data_8VCI
#
_entry.id   8VCI
#
_entity_poly.entity_id   1
_entity_poly.type   'polyribonucleotide'
_entity_poly.pdbx_seq_one_letter_code
;GGGAACCCAUGCUUCAGUCAGCUGAUGCACAAUCGUUUUUAAACGGGUUUCCGGUGUAAGUGCAGCCCGUCUUACACCGU
GCGGCACAGGCACUAGUACUGAUGUCGUAUACAGGGCU
;
_entity_poly.pdbx_strand_id   A
#